data_6AJK
#
_entry.id   6AJK
#
_cell.length_a   122.564
_cell.length_b   122.564
_cell.length_c   73.067
_cell.angle_alpha   90.000
_cell.angle_beta   90.000
_cell.angle_gamma   90.000
#
_symmetry.space_group_name_H-M   'P 43 2 2'
#
loop_
_entity.id
_entity.type
_entity.pdbx_description
1 polymer 'Dimethyladenosine transferase 1, mitochondrial'
2 polymer 'RNA (28-MER)'
#
loop_
_entity_poly.entity_id
_entity_poly.type
_entity_poly.pdbx_seq_one_letter_code
_entity_poly.pdbx_strand_id
1 'polypeptide(L)'
;MQAAKQLSQNFLLDLRLTDKIVRKAGNLTNAYVYEVGPGPGGITRSILNADVAELLVVEKDTRFIPGLQMLSDAAPGKLR
IVHGDVLTFKVEKAFSESLKRPWEDDPPNVHIIGNLPFSVSTPLIIKWLENISCRDGPFVYGRTQMTLTFQKEVAERLAA
NTGSKQRSRLSVMAQYLCNVRHIFTIPGQAFVPKPEVDVGVVHFTPLIQPKIEQPFKLVEKVVQNVFQFRRKYCHRGLRM
LFPEAQRLESTGRLLELADIDPTLRPRQLSISHFKSLCDVYRKMCDEDPQLFAYNFREELKRRKSKNEEKEEDDAENYRL
;
A
2 'polyribonucleotide' GGUAAGUGUACUGGAAAGUGCACUUGCC B
#
loop_
_chem_comp.id
_chem_comp.type
_chem_comp.name
_chem_comp.formula
A RNA linking ADENOSINE-5'-MONOPHOSPHATE 'C10 H14 N5 O7 P'
C RNA linking CYTIDINE-5'-MONOPHOSPHATE 'C9 H14 N3 O8 P'
G RNA linking GUANOSINE-5'-MONOPHOSPHATE 'C10 H14 N5 O8 P'
U RNA linking URIDINE-5'-MONOPHOSPHATE 'C9 H13 N2 O9 P'
#
# COMPACT_ATOMS: atom_id res chain seq x y z
N LEU A 7 0.47 11.20 -15.84
CA LEU A 7 1.29 12.41 -15.83
C LEU A 7 0.71 13.46 -14.85
N SER A 8 1.61 14.08 -14.07
CA SER A 8 1.18 14.99 -13.02
C SER A 8 0.91 16.40 -13.55
N GLN A 9 -0.16 17.01 -13.03
CA GLN A 9 -0.58 18.36 -13.43
C GLN A 9 -0.91 19.21 -12.21
N ASN A 10 -0.55 18.77 -11.01
CA ASN A 10 -0.75 19.54 -9.79
C ASN A 10 0.49 19.31 -8.94
N PHE A 11 1.19 20.40 -8.60
CA PHE A 11 2.53 20.30 -8.03
C PHE A 11 2.57 20.80 -6.59
N LEU A 12 3.30 20.07 -5.76
CA LEU A 12 3.55 20.47 -4.38
C LEU A 12 4.95 21.04 -4.30
N LEU A 13 5.03 22.36 -4.12
CA LEU A 13 6.29 23.07 -4.11
C LEU A 13 6.48 23.91 -2.87
N ASP A 14 5.48 23.98 -2.00
CA ASP A 14 5.69 24.61 -0.70
C ASP A 14 6.78 23.87 0.06
N LEU A 15 7.91 24.54 0.26
CA LEU A 15 9.01 23.98 1.02
C LEU A 15 8.60 23.68 2.46
N ARG A 16 7.46 24.20 2.91
CA ARG A 16 6.99 23.89 4.26
C ARG A 16 6.35 22.52 4.31
N LEU A 17 5.60 22.15 3.27
CA LEU A 17 4.87 20.89 3.26
C LEU A 17 5.77 19.72 2.84
N THR A 18 6.58 19.89 1.79
CA THR A 18 7.57 18.87 1.46
C THR A 18 8.46 18.55 2.65
N ASP A 19 8.88 19.57 3.40
CA ASP A 19 9.74 19.33 4.57
C ASP A 19 9.00 18.58 5.65
N LYS A 20 7.69 18.83 5.78
CA LYS A 20 6.89 18.14 6.78
C LYS A 20 6.59 16.71 6.37
N ILE A 21 6.53 16.42 5.07
CA ILE A 21 6.37 15.04 4.62
C ILE A 21 7.58 14.19 5.01
N VAL A 22 8.79 14.76 4.88
CA VAL A 22 10.02 14.00 5.15
C VAL A 22 10.31 13.90 6.64
N ARG A 23 9.74 14.78 7.47
CA ARG A 23 9.77 14.54 8.91
C ARG A 23 8.99 13.28 9.25
N LYS A 24 7.80 13.12 8.65
CA LYS A 24 6.93 11.99 8.94
C LYS A 24 7.48 10.66 8.41
N ALA A 25 8.52 10.69 7.58
CA ALA A 25 9.21 9.47 7.18
C ALA A 25 10.20 8.98 8.23
N GLY A 26 10.62 9.83 9.15
CA GLY A 26 11.54 9.48 10.21
C GLY A 26 12.87 10.18 10.04
N ASN A 27 13.85 9.72 10.81
CA ASN A 27 15.21 10.24 10.79
C ASN A 27 15.97 9.54 9.67
N LEU A 28 16.42 10.31 8.68
CA LEU A 28 17.00 9.74 7.46
C LEU A 28 18.51 10.00 7.34
N THR A 29 19.22 10.11 8.47
CA THR A 29 20.51 10.80 8.52
C THR A 29 21.69 9.95 8.01
N ASN A 30 21.46 8.69 7.64
CA ASN A 30 22.42 7.98 6.79
C ASN A 30 21.71 7.04 5.84
N ALA A 31 20.51 7.42 5.41
CA ALA A 31 19.55 6.51 4.80
C ALA A 31 19.82 6.32 3.31
N TYR A 32 19.28 5.21 2.79
CA TYR A 32 19.22 4.93 1.36
C TYR A 32 17.75 5.07 0.95
N VAL A 33 17.41 6.20 0.33
CA VAL A 33 16.03 6.56 0.03
C VAL A 33 15.75 6.33 -1.44
N TYR A 34 14.58 5.76 -1.73
CA TYR A 34 14.07 5.62 -3.08
C TYR A 34 12.83 6.51 -3.16
N GLU A 35 12.89 7.56 -3.99
CA GLU A 35 11.74 8.40 -4.27
C GLU A 35 11.17 8.11 -5.65
N VAL A 36 9.85 7.99 -5.72
CA VAL A 36 9.18 7.62 -6.94
C VAL A 36 8.52 8.79 -7.66
N GLY A 37 8.02 9.79 -6.94
CA GLY A 37 7.18 10.80 -7.54
C GLY A 37 7.81 11.89 -8.39
N PRO A 38 9.09 12.21 -8.18
CA PRO A 38 9.51 13.61 -8.19
C PRO A 38 9.29 14.25 -9.54
N GLY A 39 8.66 15.41 -9.53
CA GLY A 39 8.54 16.17 -10.74
C GLY A 39 9.48 17.34 -10.62
N PRO A 40 8.95 18.42 -10.11
CA PRO A 40 9.80 19.57 -9.76
C PRO A 40 10.76 19.31 -8.60
N GLY A 41 10.84 18.07 -8.14
CA GLY A 41 11.74 17.70 -7.05
C GLY A 41 11.51 18.43 -5.74
N GLY A 42 10.31 18.96 -5.50
CA GLY A 42 10.04 19.59 -4.21
C GLY A 42 10.47 18.74 -3.03
N ILE A 43 9.97 17.50 -2.97
CA ILE A 43 10.36 16.57 -1.91
C ILE A 43 11.81 16.16 -2.06
N THR A 44 12.27 16.04 -3.31
CA THR A 44 13.66 15.66 -3.57
C THR A 44 14.62 16.58 -2.85
N ARG A 45 14.39 17.90 -2.97
CA ARG A 45 15.21 18.87 -2.25
C ARG A 45 15.08 18.65 -0.75
N SER A 46 13.85 18.43 -0.28
CA SER A 46 13.61 18.18 1.15
C SER A 46 14.35 16.94 1.64
N ILE A 47 14.46 15.90 0.79
CA ILE A 47 15.10 14.67 1.23
C ILE A 47 16.61 14.86 1.34
N LEU A 48 17.21 15.55 0.36
CA LEU A 48 18.65 15.76 0.37
C LEU A 48 19.11 16.59 1.57
N ASN A 49 18.31 17.56 2.02
CA ASN A 49 18.66 18.34 3.23
C ASN A 49 18.52 17.54 4.51
N ALA A 50 18.04 16.29 4.44
CA ALA A 50 17.93 15.43 5.61
C ALA A 50 19.16 14.56 5.83
N ASP A 51 20.23 14.74 5.04
CA ASP A 51 21.50 14.04 5.22
C ASP A 51 21.39 12.54 4.91
N VAL A 52 20.69 12.19 3.82
CA VAL A 52 20.64 10.80 3.39
C VAL A 52 22.00 10.39 2.85
N ALA A 53 22.26 9.08 2.83
CA ALA A 53 23.43 8.56 2.13
C ALA A 53 23.25 8.69 0.62
N GLU A 54 22.13 8.18 0.10
CA GLU A 54 21.84 8.25 -1.32
C GLU A 54 20.35 8.51 -1.50
N LEU A 55 20.02 9.24 -2.56
CA LEU A 55 18.63 9.44 -2.98
C LEU A 55 18.50 8.90 -4.40
N LEU A 56 17.91 7.73 -4.53
CA LEU A 56 17.54 7.18 -5.82
C LEU A 56 16.18 7.74 -6.25
N VAL A 57 16.10 8.17 -7.50
CA VAL A 57 14.93 8.88 -8.02
C VAL A 57 14.62 8.37 -9.42
N VAL A 58 13.36 7.93 -9.61
CA VAL A 58 12.86 7.46 -10.90
C VAL A 58 11.81 8.45 -11.38
N GLU A 59 11.90 8.87 -12.64
CA GLU A 59 10.95 9.82 -13.20
C GLU A 59 10.74 9.51 -14.68
N LYS A 60 9.49 9.19 -15.04
CA LYS A 60 9.12 8.98 -16.43
C LYS A 60 9.21 10.28 -17.23
N ASP A 61 8.51 11.32 -16.78
CA ASP A 61 8.43 12.63 -17.43
C ASP A 61 9.79 13.29 -17.61
N THR A 62 10.20 13.50 -18.87
CA THR A 62 11.53 14.04 -19.14
C THR A 62 11.63 15.53 -18.81
N ARG A 63 10.49 16.22 -18.77
CA ARG A 63 10.47 17.66 -18.51
C ARG A 63 11.17 18.01 -17.21
N PHE A 64 11.26 17.06 -16.26
CA PHE A 64 11.72 17.35 -14.91
C PHE A 64 13.17 16.96 -14.66
N ILE A 65 13.80 16.25 -15.59
CA ILE A 65 15.14 15.66 -15.43
C ILE A 65 16.24 16.72 -15.45
N PRO A 66 16.18 17.76 -16.31
CA PRO A 66 17.19 18.83 -16.18
C PRO A 66 17.18 19.49 -14.81
N GLY A 67 16.00 19.71 -14.23
CA GLY A 67 15.90 20.26 -12.89
C GLY A 67 16.35 19.31 -11.80
N LEU A 68 16.31 17.99 -12.07
CA LEU A 68 16.90 17.00 -11.16
C LEU A 68 18.42 16.93 -11.30
N GLN A 69 18.95 17.12 -12.51
CA GLN A 69 20.39 17.24 -12.65
C GLN A 69 20.91 18.50 -11.97
N MET A 70 20.15 19.59 -12.04
CA MET A 70 20.39 20.81 -11.26
C MET A 70 20.81 20.50 -9.82
N LEU A 71 20.27 19.42 -9.26
CA LEU A 71 20.50 19.02 -7.88
C LEU A 71 21.56 17.93 -7.76
N SER A 72 21.76 17.11 -8.79
CA SER A 72 22.82 16.12 -8.79
C SER A 72 24.21 16.75 -8.84
N ASP A 73 24.29 18.07 -8.98
CA ASP A 73 25.52 18.82 -8.96
C ASP A 73 25.64 19.76 -7.76
N ALA A 74 24.53 20.38 -7.34
CA ALA A 74 24.45 21.05 -6.06
C ALA A 74 24.52 20.07 -4.89
N ALA A 75 24.49 18.77 -5.19
CA ALA A 75 24.63 17.72 -4.17
C ALA A 75 25.34 16.54 -4.81
N PRO A 76 26.64 16.66 -5.04
CA PRO A 76 27.37 15.61 -5.75
C PRO A 76 27.50 14.35 -4.91
N GLY A 77 27.37 13.20 -5.57
CA GLY A 77 27.42 11.91 -4.90
C GLY A 77 26.27 11.58 -3.99
N LYS A 78 25.13 12.24 -4.19
CA LYS A 78 23.98 12.07 -3.31
C LYS A 78 22.71 11.69 -4.05
N LEU A 79 22.51 12.22 -5.24
CA LEU A 79 21.29 11.98 -6.01
C LEU A 79 21.62 11.18 -7.26
N ARG A 80 21.14 9.94 -7.31
CA ARG A 80 21.16 9.13 -8.52
C ARG A 80 19.82 9.27 -9.22
N ILE A 81 19.85 9.61 -10.50
CA ILE A 81 18.65 9.86 -11.29
C ILE A 81 18.45 8.70 -12.27
N VAL A 82 17.20 8.27 -12.44
CA VAL A 82 16.85 7.25 -13.42
C VAL A 82 15.61 7.71 -14.20
N HIS A 83 15.71 7.72 -15.52
CA HIS A 83 14.54 7.95 -16.37
C HIS A 83 13.84 6.61 -16.59
N GLY A 84 12.65 6.44 -16.01
CA GLY A 84 12.02 5.15 -16.05
C GLY A 84 10.61 5.20 -15.49
N ASP A 85 10.02 4.02 -15.35
CA ASP A 85 8.65 3.85 -14.89
C ASP A 85 8.71 3.14 -13.54
N VAL A 86 8.08 3.73 -12.52
CA VAL A 86 8.15 3.15 -11.18
C VAL A 86 7.54 1.75 -11.15
N LEU A 87 6.72 1.39 -12.14
CA LEU A 87 6.02 0.11 -12.18
C LEU A 87 6.89 -1.01 -12.74
N THR A 88 7.71 -0.71 -13.75
CA THR A 88 8.64 -1.68 -14.32
C THR A 88 9.97 -1.72 -13.58
N PHE A 89 10.28 -0.70 -12.78
CA PHE A 89 11.61 -0.53 -12.22
C PHE A 89 11.83 -1.45 -11.04
N LYS A 90 12.97 -2.14 -11.04
CA LYS A 90 13.29 -3.15 -10.03
C LYS A 90 14.28 -2.57 -9.04
N VAL A 91 13.77 -2.10 -7.90
CA VAL A 91 14.62 -1.61 -6.83
C VAL A 91 15.24 -2.74 -6.01
N GLU A 92 14.90 -3.99 -6.33
CA GLU A 92 15.52 -5.13 -5.64
C GLU A 92 17.04 -5.14 -5.83
N LYS A 93 17.52 -4.51 -6.92
CA LYS A 93 18.93 -4.49 -7.27
C LYS A 93 19.52 -3.08 -7.28
N ALA A 94 18.83 -2.12 -6.68
CA ALA A 94 19.28 -0.72 -6.71
C ALA A 94 20.27 -0.38 -5.60
N PHE A 95 20.29 -1.17 -4.52
CA PHE A 95 21.17 -0.97 -3.37
C PHE A 95 21.89 -2.28 -3.09
N SER A 96 22.91 -2.23 -2.22
CA SER A 96 23.75 -3.40 -1.98
C SER A 96 23.05 -4.41 -1.06
N GLU A 97 23.44 -5.67 -1.20
CA GLU A 97 22.93 -6.70 -0.30
C GLU A 97 23.35 -6.47 1.15
N SER A 98 24.35 -5.63 1.41
CA SER A 98 24.77 -5.36 2.78
C SER A 98 23.69 -4.66 3.59
N LEU A 99 22.74 -4.01 2.92
CA LEU A 99 21.68 -3.28 3.59
C LEU A 99 20.46 -4.14 3.91
N LYS A 100 20.43 -5.39 3.44
CA LYS A 100 19.29 -6.29 3.66
C LYS A 100 19.29 -6.77 5.11
N ARG A 101 18.25 -6.30 5.91
CA ARG A 101 17.99 -6.76 7.26
C ARG A 101 17.02 -7.94 7.24
N PRO A 102 17.05 -8.83 8.23
CA PRO A 102 16.07 -9.92 8.27
C PRO A 102 14.68 -9.37 8.52
N TRP A 103 13.68 -10.24 8.39
CA TRP A 103 12.29 -9.80 8.52
C TRP A 103 11.94 -9.50 9.97
N GLU A 104 12.25 -10.43 10.87
CA GLU A 104 12.02 -10.30 12.31
C GLU A 104 13.16 -9.53 12.97
N ASP A 105 13.61 -8.49 12.28
CA ASP A 105 14.53 -7.48 12.77
C ASP A 105 13.81 -6.13 12.67
N ASP A 106 14.55 -5.04 12.79
CA ASP A 106 14.00 -3.72 12.62
C ASP A 106 13.89 -3.42 11.13
N PRO A 107 13.21 -2.36 10.73
CA PRO A 107 13.23 -1.93 9.33
C PRO A 107 14.65 -1.62 8.88
N PRO A 108 14.98 -1.86 7.61
CA PRO A 108 16.31 -1.51 7.08
C PRO A 108 16.48 -0.01 6.90
N ASN A 109 17.70 0.38 6.53
CA ASN A 109 18.04 1.79 6.31
C ASN A 109 17.59 2.24 4.92
N VAL A 110 16.56 1.59 4.39
CA VAL A 110 15.98 1.87 3.09
C VAL A 110 14.54 2.36 3.29
N HIS A 111 14.19 3.42 2.58
CA HIS A 111 12.88 4.03 2.73
C HIS A 111 12.34 4.42 1.36
N ILE A 112 11.01 4.40 1.24
CA ILE A 112 10.29 4.84 0.06
C ILE A 112 9.48 6.08 0.42
N ILE A 113 9.66 7.15 -0.35
CA ILE A 113 8.84 8.36 -0.22
C ILE A 113 8.28 8.68 -1.60
N GLY A 114 7.01 9.07 -1.66
CA GLY A 114 6.36 9.19 -2.96
C GLY A 114 5.17 10.12 -3.09
N ASN A 115 5.19 10.92 -4.17
CA ASN A 115 4.10 11.83 -4.53
C ASN A 115 3.68 11.58 -5.99
N LEU A 116 3.38 10.32 -6.31
CA LEU A 116 2.92 9.95 -7.65
C LEU A 116 1.55 10.57 -7.94
N PRO A 117 1.20 10.68 -9.23
CA PRO A 117 -0.21 10.83 -9.60
C PRO A 117 -1.01 9.71 -8.97
N PHE A 118 -2.24 10.02 -8.54
CA PHE A 118 -3.05 9.02 -7.85
C PHE A 118 -3.41 7.84 -8.76
N SER A 119 -3.43 8.06 -10.08
CA SER A 119 -3.70 6.98 -11.03
C SER A 119 -2.55 5.99 -11.11
N VAL A 120 -1.39 6.35 -10.57
CA VAL A 120 -0.23 5.47 -10.51
C VAL A 120 -0.08 4.86 -9.12
N SER A 121 -0.29 5.66 -8.08
CA SER A 121 -0.03 5.24 -6.71
C SER A 121 -1.10 4.26 -6.20
N THR A 122 -2.30 4.29 -6.77
CA THR A 122 -3.34 3.40 -6.27
C THR A 122 -3.14 1.98 -6.77
N PRO A 123 -2.87 1.74 -8.06
CA PRO A 123 -2.49 0.38 -8.46
C PRO A 123 -1.17 -0.07 -7.86
N LEU A 124 -0.28 0.86 -7.52
CA LEU A 124 1.07 0.46 -7.10
C LEU A 124 1.10 0.06 -5.64
N ILE A 125 0.32 0.70 -4.78
CA ILE A 125 0.30 0.31 -3.37
C ILE A 125 -0.20 -1.11 -3.22
N ILE A 126 -1.13 -1.54 -4.08
CA ILE A 126 -1.61 -2.93 -4.07
C ILE A 126 -0.55 -3.86 -4.64
N LYS A 127 0.15 -3.43 -5.70
CA LYS A 127 1.30 -4.19 -6.17
C LYS A 127 2.32 -4.38 -5.06
N TRP A 128 2.62 -3.30 -4.31
CA TRP A 128 3.59 -3.39 -3.23
C TRP A 128 3.06 -4.19 -2.05
N LEU A 129 1.76 -4.15 -1.79
CA LEU A 129 1.22 -4.96 -0.70
C LEU A 129 1.45 -6.43 -0.97
N GLU A 130 1.30 -6.85 -2.25
CA GLU A 130 1.59 -8.24 -2.59
C GLU A 130 3.07 -8.54 -2.42
N ASN A 131 3.93 -7.55 -2.68
CA ASN A 131 5.36 -7.70 -2.47
C ASN A 131 5.69 -7.92 -1.00
N ILE A 132 5.03 -7.18 -0.10
CA ILE A 132 5.19 -7.40 1.34
C ILE A 132 4.81 -8.83 1.70
N SER A 133 3.74 -9.33 1.07
CA SER A 133 3.29 -10.70 1.31
C SER A 133 4.39 -11.71 0.98
N CYS A 134 5.09 -11.50 -0.13
CA CYS A 134 6.14 -12.40 -0.59
C CYS A 134 7.52 -12.00 -0.12
N ARG A 135 7.65 -10.90 0.61
CA ARG A 135 8.92 -10.40 1.13
C ARG A 135 9.95 -10.16 0.03
N ASP A 136 9.50 -9.99 -1.22
CA ASP A 136 10.34 -9.64 -2.35
C ASP A 136 10.01 -8.22 -2.81
N GLY A 137 10.55 -7.80 -3.95
CA GLY A 137 10.35 -6.45 -4.42
C GLY A 137 11.16 -5.49 -3.57
N PRO A 138 10.57 -4.32 -3.26
CA PRO A 138 11.22 -3.41 -2.31
C PRO A 138 11.51 -4.01 -0.94
N PHE A 139 11.06 -5.24 -0.69
CA PHE A 139 11.11 -5.83 0.65
C PHE A 139 12.13 -6.96 0.72
N VAL A 140 13.01 -7.03 -0.28
CA VAL A 140 14.18 -7.86 -0.17
C VAL A 140 15.13 -7.30 0.88
N TYR A 141 15.01 -6.00 1.21
CA TYR A 141 15.87 -5.41 2.22
C TYR A 141 15.33 -5.60 3.63
N GLY A 142 14.16 -6.23 3.78
CA GLY A 142 13.47 -6.28 5.06
C GLY A 142 12.16 -5.50 4.99
N ARG A 143 11.75 -5.00 6.18
CA ARG A 143 10.47 -4.31 6.32
C ARG A 143 10.63 -2.84 5.93
N THR A 144 10.90 -2.64 4.63
CA THR A 144 11.08 -1.31 4.06
C THR A 144 9.84 -0.44 4.28
N GLN A 145 10.04 0.71 4.89
CA GLN A 145 8.93 1.63 5.14
C GLN A 145 8.70 2.54 3.94
N MET A 146 7.45 2.95 3.76
CA MET A 146 7.08 3.78 2.63
C MET A 146 6.17 4.90 3.11
N THR A 147 6.42 6.09 2.60
CA THR A 147 5.67 7.30 2.92
C THR A 147 5.10 7.82 1.60
N LEU A 148 3.79 7.72 1.42
CA LEU A 148 3.16 7.98 0.13
C LEU A 148 2.03 8.99 0.28
N THR A 149 1.76 9.70 -0.81
CA THR A 149 0.58 10.57 -0.91
C THR A 149 -0.52 9.85 -1.68
N PHE A 150 -1.70 9.79 -1.08
CA PHE A 150 -2.92 9.35 -1.74
C PHE A 150 -3.94 10.48 -1.67
N GLN A 151 -5.04 10.33 -2.40
CA GLN A 151 -6.14 11.26 -2.22
C GLN A 151 -6.66 11.17 -0.78
N LYS A 152 -7.18 12.30 -0.28
CA LYS A 152 -7.69 12.34 1.08
C LYS A 152 -8.58 11.13 1.37
N GLU A 153 -9.44 10.77 0.41
CA GLU A 153 -10.38 9.67 0.65
C GLU A 153 -9.68 8.32 0.65
N VAL A 154 -8.79 8.10 -0.32
CA VAL A 154 -8.02 6.85 -0.38
C VAL A 154 -7.14 6.70 0.86
N ALA A 155 -6.55 7.80 1.34
CA ALA A 155 -5.74 7.73 2.55
C ALA A 155 -6.55 7.23 3.74
N GLU A 156 -7.80 7.67 3.86
CA GLU A 156 -8.64 7.25 4.97
C GLU A 156 -9.09 5.80 4.84
N ARG A 157 -9.27 5.32 3.61
CA ARG A 157 -9.62 3.92 3.42
C ARG A 157 -8.46 2.99 3.80
N LEU A 158 -7.23 3.37 3.48
CA LEU A 158 -6.10 2.54 3.90
C LEU A 158 -6.02 2.44 5.42
N ALA A 159 -6.42 3.49 6.14
CA ALA A 159 -6.22 3.59 7.58
C ALA A 159 -7.51 3.40 8.40
N ALA A 160 -8.63 3.09 7.74
CA ALA A 160 -9.93 3.05 8.40
C ALA A 160 -10.06 1.87 9.36
N ASN A 161 -10.68 2.11 10.51
CA ASN A 161 -10.99 1.06 11.46
C ASN A 161 -12.42 0.58 11.29
N THR A 162 -12.73 -0.58 11.90
CA THR A 162 -14.04 -1.18 11.71
C THR A 162 -15.15 -0.25 12.18
N GLY A 163 -16.31 -0.40 11.55
CA GLY A 163 -17.46 0.44 11.80
C GLY A 163 -17.40 1.84 11.25
N SER A 164 -16.34 2.22 10.54
CA SER A 164 -16.25 3.57 10.00
C SER A 164 -16.75 3.60 8.57
N LYS A 165 -16.82 4.80 8.00
CA LYS A 165 -17.42 4.93 6.68
C LYS A 165 -16.43 4.67 5.57
N GLN A 166 -15.13 4.86 5.83
CA GLN A 166 -14.11 4.59 4.80
C GLN A 166 -13.58 3.16 4.86
N ARG A 167 -14.10 2.36 5.79
CA ARG A 167 -13.76 0.94 5.88
C ARG A 167 -14.08 0.20 4.59
N SER A 168 -13.07 0.02 3.72
CA SER A 168 -13.25 -0.61 2.42
C SER A 168 -12.28 -1.80 2.29
N ARG A 169 -12.20 -2.35 1.08
CA ARG A 169 -11.22 -3.41 0.81
C ARG A 169 -9.82 -2.93 1.16
N LEU A 170 -9.47 -1.71 0.76
CA LEU A 170 -8.12 -1.22 0.98
C LEU A 170 -7.76 -1.21 2.46
N SER A 171 -8.76 -1.06 3.33
CA SER A 171 -8.50 -1.10 4.77
C SER A 171 -7.86 -2.43 5.18
N VAL A 172 -8.40 -3.54 4.71
CA VAL A 172 -7.96 -4.84 5.21
C VAL A 172 -6.72 -5.32 4.48
N MET A 173 -6.66 -5.04 3.17
CA MET A 173 -5.49 -5.44 2.40
C MET A 173 -4.24 -4.73 2.90
N ALA A 174 -4.40 -3.50 3.37
CA ALA A 174 -3.26 -2.77 3.88
C ALA A 174 -2.96 -3.15 5.32
N GLN A 175 -3.97 -3.13 6.20
CA GLN A 175 -3.74 -3.20 7.63
C GLN A 175 -3.35 -4.59 8.13
N TYR A 176 -3.67 -5.66 7.37
CA TYR A 176 -3.28 -7.00 7.78
C TYR A 176 -1.81 -7.28 7.47
N LEU A 177 -1.24 -6.56 6.51
CA LEU A 177 0.16 -6.69 6.13
C LEU A 177 1.05 -5.62 6.74
N CYS A 178 0.49 -4.44 7.01
CA CYS A 178 1.22 -3.24 7.38
C CYS A 178 0.62 -2.62 8.62
N ASN A 179 1.48 -1.95 9.39
CA ASN A 179 1.03 -0.88 10.27
C ASN A 179 0.80 0.35 9.40
N VAL A 180 -0.41 0.90 9.42
CA VAL A 180 -0.81 2.01 8.54
C VAL A 180 -1.16 3.22 9.40
N ARG A 181 -0.49 4.35 9.13
CA ARG A 181 -0.76 5.62 9.79
C ARG A 181 -1.12 6.67 8.75
N HIS A 182 -2.40 7.02 8.65
CA HIS A 182 -2.77 8.25 7.94
C HIS A 182 -2.42 9.41 8.84
N ILE A 183 -1.40 10.17 8.48
CA ILE A 183 -0.80 11.12 9.43
C ILE A 183 -1.48 12.48 9.36
N PHE A 184 -1.57 13.07 8.17
CA PHE A 184 -2.18 14.38 8.02
C PHE A 184 -2.64 14.54 6.58
N THR A 185 -3.36 15.63 6.32
CA THR A 185 -3.96 15.87 5.03
C THR A 185 -3.64 17.28 4.57
N ILE A 186 -2.98 17.39 3.42
CA ILE A 186 -2.73 18.68 2.78
C ILE A 186 -3.97 19.10 2.00
N PRO A 187 -4.39 20.36 2.08
CA PRO A 187 -5.54 20.80 1.27
C PRO A 187 -5.16 21.01 -0.19
N GLY A 188 -6.16 20.88 -1.07
CA GLY A 188 -5.89 21.05 -2.49
C GLY A 188 -5.37 22.43 -2.85
N GLN A 189 -5.71 23.43 -2.02
CA GLN A 189 -5.27 24.80 -2.28
C GLN A 189 -3.75 24.95 -2.18
N ALA A 190 -3.05 24.03 -1.49
CA ALA A 190 -1.61 24.11 -1.35
C ALA A 190 -0.85 23.64 -2.59
N PHE A 191 -1.54 23.12 -3.61
CA PHE A 191 -0.91 22.61 -4.81
C PHE A 191 -1.09 23.60 -5.96
N VAL A 192 -0.31 23.42 -7.02
CA VAL A 192 -0.33 24.35 -8.14
C VAL A 192 -0.26 23.57 -9.44
N PRO A 193 -1.30 23.66 -10.29
CA PRO A 193 -2.54 24.33 -9.92
C PRO A 193 -3.33 23.50 -8.90
N LYS A 194 -4.41 24.06 -8.38
CA LYS A 194 -5.20 23.41 -7.35
C LYS A 194 -6.08 22.32 -7.95
N PRO A 195 -6.05 21.09 -7.43
CA PRO A 195 -7.03 20.07 -7.83
C PRO A 195 -8.31 20.19 -7.02
N GLU A 196 -9.39 19.60 -7.55
CA GLU A 196 -10.65 19.56 -6.82
C GLU A 196 -10.72 18.40 -5.82
N VAL A 197 -9.58 18.00 -5.24
CA VAL A 197 -9.50 17.01 -4.17
C VAL A 197 -8.54 17.52 -3.09
N ASP A 198 -8.56 16.83 -1.95
CA ASP A 198 -7.55 17.03 -0.93
C ASP A 198 -6.62 15.82 -0.89
N VAL A 199 -5.40 16.04 -0.38
CA VAL A 199 -4.34 15.04 -0.48
C VAL A 199 -3.93 14.57 0.91
N GLY A 200 -4.02 13.25 1.14
CA GLY A 200 -3.55 12.66 2.38
C GLY A 200 -2.14 12.09 2.29
N VAL A 201 -1.47 12.01 3.45
CA VAL A 201 -0.12 11.48 3.58
C VAL A 201 -0.17 10.27 4.50
N VAL A 202 0.30 9.10 4.02
CA VAL A 202 0.19 7.83 4.74
C VAL A 202 1.56 7.17 4.88
N HIS A 203 1.85 6.66 6.07
CA HIS A 203 3.09 5.94 6.36
C HIS A 203 2.79 4.46 6.57
N PHE A 204 3.56 3.60 5.90
CA PHE A 204 3.42 2.15 6.00
C PHE A 204 4.67 1.55 6.64
N THR A 205 4.47 0.66 7.61
CA THR A 205 5.56 -0.16 8.12
C THR A 205 5.10 -1.62 8.06
N PRO A 206 5.76 -2.47 7.28
CA PRO A 206 5.34 -3.87 7.20
C PRO A 206 5.43 -4.57 8.54
N LEU A 207 4.47 -5.46 8.82
CA LEU A 207 4.42 -6.18 10.07
C LEU A 207 5.35 -7.39 10.06
N ILE A 208 5.99 -7.66 11.20
CA ILE A 208 6.82 -8.86 11.33
C ILE A 208 5.97 -10.11 11.15
N GLN A 209 4.81 -10.15 11.83
CA GLN A 209 3.83 -11.22 11.65
C GLN A 209 2.52 -10.67 11.12
N PRO A 210 2.15 -10.96 9.88
CA PRO A 210 0.87 -10.47 9.34
C PRO A 210 -0.32 -11.02 10.10
N LYS A 211 -1.40 -10.22 10.14
CA LYS A 211 -2.58 -10.59 10.92
C LYS A 211 -3.42 -11.67 10.27
N ILE A 212 -3.15 -12.00 9.01
CA ILE A 212 -3.63 -13.21 8.35
C ILE A 212 -2.42 -13.83 7.69
N GLU A 213 -2.17 -15.11 7.97
CA GLU A 213 -1.09 -15.84 7.32
C GLU A 213 -1.71 -16.80 6.30
N GLN A 214 -2.18 -16.22 5.21
CA GLN A 214 -2.66 -16.93 4.05
C GLN A 214 -2.07 -16.26 2.82
N PRO A 215 -2.03 -16.96 1.67
CA PRO A 215 -1.53 -16.31 0.46
C PRO A 215 -2.30 -15.03 0.15
N PHE A 216 -1.63 -14.10 -0.53
CA PHE A 216 -2.22 -12.80 -0.78
C PHE A 216 -3.46 -12.92 -1.67
N LYS A 217 -3.39 -13.76 -2.72
CA LYS A 217 -4.52 -13.93 -3.61
C LYS A 217 -5.73 -14.53 -2.90
N LEU A 218 -5.49 -15.28 -1.82
CA LEU A 218 -6.60 -15.82 -1.03
C LEU A 218 -7.27 -14.73 -0.22
N VAL A 219 -6.48 -13.87 0.45
CA VAL A 219 -7.09 -12.78 1.22
C VAL A 219 -7.78 -11.80 0.29
N GLU A 220 -7.11 -11.46 -0.83
CA GLU A 220 -7.70 -10.65 -1.90
C GLU A 220 -9.12 -11.09 -2.22
N LYS A 221 -9.32 -12.39 -2.43
CA LYS A 221 -10.60 -12.92 -2.89
C LYS A 221 -11.64 -12.87 -1.79
N VAL A 222 -11.25 -13.20 -0.55
CA VAL A 222 -12.18 -13.10 0.56
C VAL A 222 -12.56 -11.64 0.80
N VAL A 223 -11.60 -10.73 0.75
CA VAL A 223 -11.91 -9.33 1.01
C VAL A 223 -12.72 -8.74 -0.14
N GLN A 224 -12.44 -9.15 -1.38
CA GLN A 224 -13.20 -8.65 -2.52
C GLN A 224 -14.67 -9.12 -2.46
N ASN A 225 -14.91 -10.35 -1.99
CA ASN A 225 -16.27 -10.86 -1.97
C ASN A 225 -17.06 -10.37 -0.75
N VAL A 226 -16.41 -10.26 0.41
CA VAL A 226 -17.06 -9.64 1.56
C VAL A 226 -17.58 -8.24 1.21
N PHE A 227 -16.79 -7.45 0.48
CA PHE A 227 -17.06 -6.04 0.28
C PHE A 227 -17.83 -5.72 -1.00
N GLN A 228 -18.19 -6.72 -1.81
CA GLN A 228 -18.81 -6.43 -3.11
C GLN A 228 -20.23 -5.91 -2.96
N PHE A 229 -20.97 -6.37 -1.93
CA PHE A 229 -22.31 -5.89 -1.61
C PHE A 229 -22.20 -5.14 -0.29
N ARG A 230 -22.24 -3.80 -0.36
CA ARG A 230 -21.53 -2.98 0.61
C ARG A 230 -22.37 -2.66 1.84
N ARG A 231 -23.65 -2.36 1.66
CA ARG A 231 -24.51 -2.04 2.79
C ARG A 231 -25.22 -3.26 3.37
N LYS A 232 -25.13 -4.42 2.71
CA LYS A 232 -25.94 -5.57 3.05
C LYS A 232 -25.31 -6.43 4.16
N TYR A 233 -26.01 -7.51 4.50
CA TYR A 233 -25.43 -8.54 5.35
C TYR A 233 -24.19 -9.11 4.69
N CYS A 234 -23.11 -9.21 5.47
CA CYS A 234 -21.85 -9.73 4.93
C CYS A 234 -21.99 -11.12 4.33
N HIS A 235 -23.04 -11.87 4.69
CA HIS A 235 -23.19 -13.20 4.13
C HIS A 235 -23.61 -13.15 2.67
N ARG A 236 -24.25 -12.04 2.23
CA ARG A 236 -24.61 -11.86 0.82
C ARG A 236 -23.41 -12.00 -0.11
N GLY A 237 -22.23 -11.58 0.36
CA GLY A 237 -21.02 -11.65 -0.43
C GLY A 237 -20.22 -12.93 -0.24
N LEU A 238 -20.16 -13.42 0.99
CA LEU A 238 -19.42 -14.66 1.24
C LEU A 238 -20.03 -15.82 0.47
N ARG A 239 -21.35 -15.78 0.24
CA ARG A 239 -22.02 -16.77 -0.60
C ARG A 239 -21.24 -17.04 -1.88
N MET A 240 -20.81 -15.98 -2.57
CA MET A 240 -20.29 -16.07 -3.93
C MET A 240 -18.92 -16.76 -4.01
N LEU A 241 -18.31 -17.11 -2.88
CA LEU A 241 -17.11 -17.94 -2.93
C LEU A 241 -17.42 -19.37 -3.38
N PHE A 242 -18.69 -19.80 -3.29
CA PHE A 242 -19.17 -21.17 -3.41
C PHE A 242 -20.12 -21.33 -4.61
N PRO A 243 -19.88 -22.32 -5.47
CA PRO A 243 -20.82 -22.60 -6.57
C PRO A 243 -22.23 -22.88 -6.04
N GLU A 244 -23.23 -22.52 -6.86
CA GLU A 244 -24.62 -22.58 -6.43
C GLU A 244 -24.96 -23.90 -5.75
N ALA A 245 -24.48 -25.02 -6.33
CA ALA A 245 -24.90 -26.34 -5.88
C ALA A 245 -24.52 -26.61 -4.42
N GLN A 246 -23.42 -26.03 -3.94
CA GLN A 246 -22.95 -26.25 -2.58
C GLN A 246 -23.08 -25.01 -1.71
N ARG A 247 -23.63 -23.92 -2.26
CA ARG A 247 -23.50 -22.59 -1.67
C ARG A 247 -24.25 -22.50 -0.34
N LEU A 248 -25.43 -23.10 -0.27
CA LEU A 248 -26.21 -23.06 0.97
C LEU A 248 -25.46 -23.71 2.12
N GLU A 249 -24.87 -24.89 1.87
CA GLU A 249 -24.20 -25.65 2.91
C GLU A 249 -22.79 -25.12 3.19
N SER A 250 -22.11 -24.62 2.15
CA SER A 250 -20.75 -24.15 2.33
C SER A 250 -20.73 -22.77 2.99
N THR A 251 -21.77 -21.95 2.74
CA THR A 251 -21.82 -20.65 3.38
C THR A 251 -22.12 -20.79 4.87
N GLY A 252 -23.10 -21.63 5.24
CA GLY A 252 -23.38 -21.86 6.64
C GLY A 252 -22.20 -22.48 7.37
N ARG A 253 -21.54 -23.44 6.75
CA ARG A 253 -20.36 -24.04 7.38
C ARG A 253 -19.27 -22.99 7.55
N LEU A 254 -19.13 -22.08 6.57
CA LEU A 254 -18.08 -21.07 6.67
C LEU A 254 -18.30 -20.16 7.86
N LEU A 255 -19.49 -19.55 7.93
CA LEU A 255 -19.78 -18.60 9.00
C LEU A 255 -19.76 -19.26 10.37
N GLU A 256 -20.16 -20.53 10.45
CA GLU A 256 -20.29 -21.15 11.76
C GLU A 256 -18.92 -21.52 12.31
N LEU A 257 -18.08 -22.14 11.47
CA LEU A 257 -16.75 -22.53 11.92
C LEU A 257 -15.88 -21.30 12.21
N ALA A 258 -16.07 -20.21 11.46
CA ALA A 258 -15.30 -19.01 11.71
C ALA A 258 -15.92 -18.15 12.80
N ASP A 259 -17.14 -18.48 13.24
CA ASP A 259 -17.91 -17.74 14.26
C ASP A 259 -18.15 -16.29 13.82
N ILE A 260 -18.77 -16.14 12.66
CA ILE A 260 -19.11 -14.84 12.10
C ILE A 260 -20.61 -14.69 12.10
N ASP A 261 -21.08 -13.55 12.58
CA ASP A 261 -22.50 -13.25 12.55
C ASP A 261 -22.89 -12.78 11.16
N PRO A 262 -23.72 -13.54 10.42
CA PRO A 262 -24.05 -13.14 9.05
C PRO A 262 -24.78 -11.81 8.95
N THR A 263 -25.41 -11.31 10.02
CA THR A 263 -26.07 -10.02 9.98
C THR A 263 -25.09 -8.85 10.07
N LEU A 264 -23.81 -9.12 10.31
CA LEU A 264 -22.78 -8.08 10.28
C LEU A 264 -22.67 -7.50 8.88
N ARG A 265 -22.27 -6.22 8.80
CA ARG A 265 -21.99 -5.60 7.50
C ARG A 265 -20.52 -5.74 7.19
N PRO A 266 -20.15 -5.68 5.90
CA PRO A 266 -18.71 -5.72 5.56
C PRO A 266 -17.86 -4.73 6.36
N ARG A 267 -18.35 -3.50 6.56
CA ARG A 267 -17.59 -2.51 7.32
C ARG A 267 -17.47 -2.85 8.81
N GLN A 268 -18.16 -3.89 9.28
CA GLN A 268 -18.18 -4.22 10.70
C GLN A 268 -17.23 -5.36 11.07
N LEU A 269 -16.52 -5.92 10.10
CA LEU A 269 -15.69 -7.10 10.33
C LEU A 269 -14.26 -6.69 10.66
N SER A 270 -13.80 -7.03 11.87
CA SER A 270 -12.41 -6.84 12.25
C SER A 270 -11.49 -7.68 11.37
N ILE A 271 -10.20 -7.35 11.42
CA ILE A 271 -9.22 -8.17 10.73
C ILE A 271 -9.18 -9.57 11.35
N SER A 272 -9.48 -9.67 12.65
CA SER A 272 -9.62 -10.99 13.27
C SER A 272 -10.69 -11.82 12.57
N HIS A 273 -11.85 -11.19 12.30
CA HIS A 273 -12.91 -11.86 11.56
C HIS A 273 -12.42 -12.34 10.20
N PHE A 274 -11.50 -11.60 9.56
CA PHE A 274 -11.01 -12.02 8.26
C PHE A 274 -10.01 -13.18 8.39
N LYS A 275 -9.20 -13.18 9.45
CA LYS A 275 -8.34 -14.33 9.71
C LYS A 275 -9.16 -15.60 9.82
N SER A 276 -10.27 -15.53 10.57
CA SER A 276 -11.13 -16.71 10.74
C SER A 276 -11.76 -17.12 9.42
N LEU A 277 -12.31 -16.15 8.66
CA LEU A 277 -12.89 -16.48 7.36
C LEU A 277 -11.84 -17.03 6.42
N CYS A 278 -10.66 -16.39 6.38
CA CYS A 278 -9.61 -16.83 5.47
C CYS A 278 -9.08 -18.21 5.88
N ASP A 279 -8.89 -18.44 7.19
CA ASP A 279 -8.33 -19.71 7.65
C ASP A 279 -9.27 -20.87 7.33
N VAL A 280 -10.58 -20.67 7.49
CA VAL A 280 -11.55 -21.73 7.20
C VAL A 280 -11.73 -21.89 5.69
N TYR A 281 -11.72 -20.78 4.94
CA TYR A 281 -11.76 -20.87 3.48
C TYR A 281 -10.50 -21.55 2.94
N ARG A 282 -9.36 -21.36 3.61
CA ARG A 282 -8.14 -22.06 3.21
C ARG A 282 -8.31 -23.57 3.35
N LYS A 283 -8.99 -24.01 4.40
CA LYS A 283 -9.17 -25.45 4.61
C LYS A 283 -10.18 -26.03 3.62
N MET A 284 -11.16 -25.22 3.19
CA MET A 284 -12.13 -25.68 2.21
C MET A 284 -11.45 -25.90 0.84
N CYS A 285 -10.46 -25.08 0.50
CA CYS A 285 -9.75 -25.23 -0.76
C CYS A 285 -8.74 -26.37 -0.72
N ASP A 286 -8.27 -26.72 0.48
CA ASP A 286 -7.42 -27.90 0.64
C ASP A 286 -8.22 -29.18 0.42
N GLU A 287 -9.50 -29.17 0.84
CA GLU A 287 -10.35 -30.34 0.68
C GLU A 287 -10.95 -30.44 -0.73
N ASP A 288 -11.35 -29.31 -1.31
CA ASP A 288 -11.87 -29.26 -2.68
C ASP A 288 -10.86 -28.48 -3.52
N PRO A 289 -9.87 -29.15 -4.11
CA PRO A 289 -8.82 -28.41 -4.86
C PRO A 289 -9.34 -27.55 -6.02
N GLN A 290 -10.63 -27.63 -6.38
CA GLN A 290 -11.17 -26.84 -7.49
C GLN A 290 -12.22 -25.83 -7.04
N LEU A 291 -12.20 -25.45 -5.76
CA LEU A 291 -13.11 -24.43 -5.26
C LEU A 291 -12.53 -23.03 -5.44
N PHE A 292 -11.21 -22.89 -5.24
CA PHE A 292 -10.61 -21.56 -5.20
C PHE A 292 -10.78 -20.82 -6.52
N ALA A 293 -10.96 -21.54 -7.62
CA ALA A 293 -11.06 -20.90 -8.92
C ALA A 293 -12.49 -20.58 -9.32
N TYR A 294 -13.48 -20.84 -8.47
CA TYR A 294 -14.88 -20.55 -8.80
C TYR A 294 -15.08 -19.05 -8.96
N ASN A 295 -15.21 -18.58 -10.20
CA ASN A 295 -15.52 -17.18 -10.45
C ASN A 295 -17.02 -17.08 -10.71
N PHE A 296 -17.75 -16.58 -9.72
CA PHE A 296 -19.20 -16.58 -9.79
C PHE A 296 -19.73 -15.70 -10.91
N ARG A 297 -18.89 -14.85 -11.51
CA ARG A 297 -19.39 -13.84 -12.44
C ARG A 297 -20.09 -14.45 -13.66
N GLU A 298 -19.69 -15.64 -14.08
CA GLU A 298 -20.36 -16.31 -15.20
C GLU A 298 -21.18 -17.53 -14.78
N GLU A 299 -20.60 -18.45 -14.02
CA GLU A 299 -21.31 -19.62 -13.51
C GLU A 299 -22.48 -19.20 -12.58
#